data_3D34
#
_entry.id   3D34
#
_cell.length_a   50.600
_cell.length_b   68.027
_cell.length_c   110.130
_cell.angle_alpha   90.000
_cell.angle_beta   90.000
_cell.angle_gamma   90.000
#
_symmetry.space_group_name_H-M   'P 21 21 21'
#
loop_
_entity.id
_entity.type
_entity.pdbx_description
1 polymer Spondin-2
2 non-polymer 'NICKEL (II) ION'
3 non-polymer 'CALCIUM ION'
4 water water
#
_entity_poly.entity_id   1
_entity_poly.type   'polypeptide(L)'
_entity_poly.pdbx_seq_one_letter_code
;QPLGGESICSARAPAKYSITFTGKWSQTAFPKQYPLFRPPAQWSSLLGAAHSSDYSMWRKNQYVSNGLRDFAERGEAWAL
MKEIEAAGEALQSVHEVFSAPAVPSGTGQTSAELEVQRRHSLVSFVVRIVPSPDWFVGVDSLDLCDGDRWREQAALDLYP
YDAGTDSGFTFSSPNFATIPQDTVTEITSSSPSHPANSFYYPRLKALPPIARVTLLRLRQSPR
;
_entity_poly.pdbx_strand_id   A,B
#
# COMPACT_ATOMS: atom_id res chain seq x y z
N ILE A 8 -12.12 2.47 -31.32
CA ILE A 8 -11.60 3.77 -30.84
C ILE A 8 -12.51 4.38 -29.79
N CYS A 9 -11.91 4.96 -28.76
CA CYS A 9 -12.68 5.58 -27.68
C CYS A 9 -12.91 7.05 -28.01
N SER A 10 -14.18 7.46 -28.00
CA SER A 10 -14.52 8.85 -28.29
C SER A 10 -15.26 9.51 -27.12
N ALA A 11 -15.14 8.91 -25.93
CA ALA A 11 -15.79 9.45 -24.74
C ALA A 11 -15.35 10.91 -24.59
N ARG A 12 -16.31 11.80 -24.41
CA ARG A 12 -16.02 13.24 -24.32
C ARG A 12 -15.31 13.74 -23.06
N ALA A 13 -15.61 13.14 -21.91
CA ALA A 13 -15.00 13.58 -20.66
C ALA A 13 -14.39 12.44 -19.86
N PRO A 14 -13.48 12.75 -18.93
CA PRO A 14 -12.86 11.71 -18.11
C PRO A 14 -13.90 11.09 -17.19
N ALA A 15 -13.60 9.90 -16.68
CA ALA A 15 -14.53 9.21 -15.78
C ALA A 15 -13.80 8.64 -14.59
N LYS A 16 -14.38 8.81 -13.41
CA LYS A 16 -13.80 8.28 -12.18
C LYS A 16 -14.40 6.92 -11.84
N TYR A 17 -13.56 6.03 -11.34
CA TYR A 17 -14.00 4.69 -10.97
C TYR A 17 -13.44 4.30 -9.62
N SER A 18 -14.17 3.44 -8.92
CA SER A 18 -13.67 2.94 -7.66
C SER A 18 -13.21 1.55 -8.06
N ILE A 19 -12.12 1.09 -7.48
CA ILE A 19 -11.64 -0.25 -7.77
C ILE A 19 -11.57 -0.96 -6.43
N THR A 20 -12.31 -2.04 -6.30
CA THR A 20 -12.36 -2.78 -5.05
C THR A 20 -11.78 -4.18 -5.28
N PHE A 21 -10.74 -4.49 -4.51
CA PHE A 21 -10.07 -5.79 -4.58
C PHE A 21 -10.52 -6.64 -3.41
N THR A 22 -11.08 -7.81 -3.70
CA THR A 22 -11.54 -8.71 -2.65
C THR A 22 -10.78 -10.03 -2.71
N GLY A 23 -10.06 -10.34 -1.64
CA GLY A 23 -9.32 -11.59 -1.60
C GLY A 23 -10.25 -12.76 -1.37
N LYS A 24 -9.95 -13.89 -2.00
CA LYS A 24 -10.75 -15.10 -1.83
C LYS A 24 -9.82 -16.26 -1.49
N TRP A 25 -8.63 -15.92 -1.00
CA TRP A 25 -7.64 -16.91 -0.63
C TRP A 25 -7.94 -17.40 0.77
N SER A 26 -8.90 -18.31 0.86
CA SER A 26 -9.32 -18.90 2.13
C SER A 26 -8.80 -20.31 2.26
N GLN A 27 -8.75 -20.80 3.48
CA GLN A 27 -8.27 -22.15 3.73
C GLN A 27 -9.29 -23.14 3.17
N THR A 28 -10.55 -22.73 3.09
CA THR A 28 -11.61 -23.59 2.56
C THR A 28 -11.43 -23.85 1.07
N ALA A 29 -11.22 -22.77 0.32
CA ALA A 29 -11.05 -22.85 -1.13
C ALA A 29 -9.66 -23.34 -1.57
N PHE A 30 -8.65 -23.05 -0.74
CA PHE A 30 -7.27 -23.44 -1.04
C PHE A 30 -6.63 -24.11 0.17
N PRO A 31 -7.08 -25.33 0.51
CA PRO A 31 -6.58 -26.10 1.66
C PRO A 31 -5.11 -26.56 1.61
N LYS A 32 -4.51 -26.61 0.42
CA LYS A 32 -3.13 -27.07 0.32
C LYS A 32 -2.09 -26.08 0.84
N GLN A 33 -1.32 -26.54 1.81
CA GLN A 33 -0.25 -25.74 2.43
C GLN A 33 -0.63 -24.28 2.66
N TYR A 34 -1.82 -24.06 3.20
CA TYR A 34 -2.27 -22.70 3.47
C TYR A 34 -1.34 -22.01 4.47
N PRO A 35 -0.73 -20.88 4.10
CA PRO A 35 0.18 -20.12 4.96
C PRO A 35 -0.53 -19.62 6.22
N LEU A 36 -0.06 -20.05 7.38
CA LEU A 36 -0.66 -19.67 8.65
C LEU A 36 0.31 -18.97 9.60
N PHE A 37 1.60 -19.19 9.39
CA PHE A 37 2.61 -18.63 10.27
C PHE A 37 3.92 -18.20 9.59
N ARG A 38 4.34 -16.98 9.91
CA ARG A 38 5.59 -16.39 9.41
C ARG A 38 5.88 -16.47 7.91
N PRO A 39 5.09 -15.78 7.07
CA PRO A 39 3.96 -14.93 7.47
C PRO A 39 2.63 -15.58 7.08
N PRO A 40 1.53 -15.12 7.66
CA PRO A 40 0.18 -15.64 7.38
C PRO A 40 -0.20 -15.28 5.95
N ALA A 41 -1.07 -16.08 5.32
CA ALA A 41 -1.51 -15.79 3.96
C ALA A 41 -2.03 -14.37 3.88
N GLN A 42 -1.57 -13.61 2.89
CA GLN A 42 -2.01 -12.23 2.74
C GLN A 42 -1.67 -11.64 1.38
N TRP A 43 -2.00 -10.36 1.20
CA TRP A 43 -1.75 -9.67 -0.07
C TRP A 43 -0.92 -8.42 0.11
N SER A 44 -0.09 -8.12 -0.88
CA SER A 44 0.71 -6.92 -0.84
C SER A 44 -0.18 -5.74 -1.21
N SER A 45 0.41 -4.55 -1.23
CA SER A 45 -0.34 -3.37 -1.61
C SER A 45 -0.70 -3.59 -3.08
N LEU A 46 -1.75 -2.93 -3.55
CA LEU A 46 -2.19 -3.05 -4.94
C LEU A 46 -1.61 -1.85 -5.67
N LEU A 47 -1.01 -2.09 -6.83
CA LEU A 47 -0.43 -1.01 -7.60
C LEU A 47 -0.91 -1.13 -9.04
N GLY A 48 -1.40 -0.03 -9.59
CA GLY A 48 -1.89 -0.06 -10.96
C GLY A 48 -1.81 1.30 -11.65
N ALA A 49 -2.40 1.38 -12.83
CA ALA A 49 -2.38 2.64 -13.57
C ALA A 49 -3.45 2.70 -14.64
N ALA A 50 -3.88 3.91 -14.94
CA ALA A 50 -4.87 4.17 -15.99
C ALA A 50 -3.93 4.50 -17.15
N HIS A 51 -4.07 3.80 -18.27
CA HIS A 51 -3.13 4.02 -19.38
C HIS A 51 -3.71 3.74 -20.76
N SER A 52 -2.87 3.90 -21.78
CA SER A 52 -3.26 3.63 -23.16
C SER A 52 -2.57 2.33 -23.59
N SER A 53 -2.86 1.86 -24.79
CA SER A 53 -2.28 0.62 -25.30
C SER A 53 -0.77 0.72 -25.57
N ASP A 54 -0.21 1.92 -25.45
CA ASP A 54 1.22 2.13 -25.67
C ASP A 54 2.03 1.74 -24.44
N TYR A 55 1.33 1.44 -23.36
CA TYR A 55 1.99 1.03 -22.12
C TYR A 55 1.45 -0.32 -21.67
N SER A 56 2.36 -1.18 -21.24
CA SER A 56 2.00 -2.50 -20.74
C SER A 56 2.65 -2.67 -19.38
N MET A 57 1.85 -2.94 -18.35
CA MET A 57 2.40 -3.13 -17.02
C MET A 57 2.89 -4.57 -16.93
N TRP A 58 2.11 -5.49 -17.51
CA TRP A 58 2.46 -6.90 -17.56
C TRP A 58 1.58 -7.59 -18.58
N ARG A 59 1.99 -8.77 -19.02
CA ARG A 59 1.22 -9.52 -19.99
C ARG A 59 1.68 -10.97 -20.02
N LYS A 60 0.72 -11.88 -20.12
CA LYS A 60 1.04 -13.30 -20.15
C LYS A 60 1.96 -13.59 -21.33
N ASN A 61 2.98 -14.42 -21.09
CA ASN A 61 3.95 -14.79 -22.11
C ASN A 61 4.92 -13.69 -22.52
N GLN A 62 5.05 -12.68 -21.66
CA GLN A 62 5.99 -11.59 -21.87
C GLN A 62 6.84 -11.52 -20.60
N TYR A 63 8.08 -11.07 -20.71
CA TYR A 63 8.94 -10.97 -19.54
C TYR A 63 8.55 -9.77 -18.69
N VAL A 64 8.63 -9.92 -17.37
CA VAL A 64 8.30 -8.82 -16.49
C VAL A 64 9.43 -7.81 -16.48
N SER A 65 9.10 -6.56 -16.21
CA SER A 65 10.10 -5.50 -16.15
C SER A 65 10.90 -5.69 -14.86
N ASN A 66 12.01 -5.00 -14.74
CA ASN A 66 12.82 -5.08 -13.53
C ASN A 66 11.97 -4.66 -12.33
N GLY A 67 11.19 -3.60 -12.53
CA GLY A 67 10.33 -3.11 -11.46
C GLY A 67 9.33 -4.15 -11.01
N LEU A 68 8.71 -4.81 -11.98
CA LEU A 68 7.72 -5.83 -11.67
C LEU A 68 8.34 -7.07 -11.03
N ARG A 69 9.59 -7.37 -11.38
CA ARG A 69 10.25 -8.52 -10.77
C ARG A 69 10.36 -8.26 -9.26
N ASP A 70 10.84 -7.06 -8.91
CA ASP A 70 10.99 -6.67 -7.50
C ASP A 70 9.65 -6.72 -6.75
N PHE A 71 8.60 -6.25 -7.42
CA PHE A 71 7.27 -6.22 -6.81
C PHE A 71 6.69 -7.63 -6.64
N ALA A 72 6.79 -8.44 -7.69
CA ALA A 72 6.24 -9.78 -7.63
C ALA A 72 6.99 -10.69 -6.64
N GLU A 73 8.28 -10.45 -6.46
CA GLU A 73 9.06 -11.28 -5.55
C GLU A 73 9.13 -10.79 -4.10
N ARG A 74 9.17 -9.48 -3.89
CA ARG A 74 9.30 -8.97 -2.53
C ARG A 74 8.31 -7.88 -2.13
N GLY A 75 7.43 -7.50 -3.04
CA GLY A 75 6.48 -6.44 -2.72
C GLY A 75 7.14 -5.09 -2.76
N GLU A 76 8.37 -5.03 -3.27
CA GLU A 76 9.10 -3.77 -3.38
C GLU A 76 8.53 -3.07 -4.62
N ALA A 77 7.86 -1.95 -4.39
CA ALA A 77 7.19 -1.23 -5.48
C ALA A 77 7.86 0.04 -6.01
N TRP A 78 8.92 0.50 -5.39
CA TRP A 78 9.57 1.73 -5.82
C TRP A 78 9.94 1.76 -7.30
N ALA A 79 10.74 0.80 -7.74
CA ALA A 79 11.18 0.76 -9.14
C ALA A 79 10.00 0.67 -10.10
N LEU A 80 8.99 -0.13 -9.76
CA LEU A 80 7.82 -0.26 -10.62
C LEU A 80 7.08 1.06 -10.70
N MET A 81 6.95 1.75 -9.57
CA MET A 81 6.28 3.05 -9.59
C MET A 81 7.07 4.03 -10.45
N LYS A 82 8.40 3.96 -10.39
CA LYS A 82 9.23 4.86 -11.20
C LYS A 82 9.03 4.58 -12.69
N GLU A 83 8.86 3.31 -13.04
CA GLU A 83 8.65 2.92 -14.43
C GLU A 83 7.32 3.48 -14.95
N ILE A 84 6.27 3.34 -14.15
CA ILE A 84 4.96 3.85 -14.53
C ILE A 84 4.98 5.38 -14.69
N GLU A 85 5.58 6.05 -13.72
CA GLU A 85 5.69 7.51 -13.75
C GLU A 85 6.45 7.98 -14.99
N ALA A 86 7.56 7.31 -15.28
CA ALA A 86 8.38 7.67 -16.45
C ALA A 86 7.62 7.48 -17.75
N ALA A 87 6.86 6.39 -17.86
CA ALA A 87 6.10 6.14 -19.08
C ALA A 87 5.13 7.31 -19.29
N GLY A 88 4.53 7.76 -18.19
CA GLY A 88 3.59 8.85 -18.27
C GLY A 88 4.23 10.18 -18.65
N GLU A 89 5.39 10.46 -18.07
CA GLU A 89 6.08 11.72 -18.34
C GLU A 89 6.76 11.77 -19.70
N ALA A 90 7.41 10.68 -20.08
CA ALA A 90 8.13 10.65 -21.34
C ALA A 90 7.44 10.07 -22.57
N LEU A 91 6.45 9.21 -22.38
CA LEU A 91 5.79 8.58 -23.52
C LEU A 91 4.30 8.87 -23.71
N GLN A 92 3.71 9.70 -22.87
CA GLN A 92 2.29 10.05 -22.99
C GLN A 92 1.40 8.82 -22.87
N SER A 93 1.93 7.72 -22.36
CA SER A 93 1.17 6.47 -22.27
C SER A 93 0.44 6.17 -20.96
N VAL A 94 0.66 6.98 -19.93
CA VAL A 94 0.00 6.76 -18.66
C VAL A 94 -0.68 8.04 -18.18
N HIS A 95 -1.92 7.91 -17.71
CA HIS A 95 -2.67 9.05 -17.21
C HIS A 95 -2.40 9.24 -15.72
N GLU A 96 -2.54 8.16 -14.95
CA GLU A 96 -2.26 8.25 -13.52
C GLU A 96 -2.03 6.89 -12.88
N VAL A 97 -1.21 6.90 -11.84
CA VAL A 97 -0.92 5.68 -11.11
C VAL A 97 -1.89 5.65 -9.94
N PHE A 98 -2.34 4.46 -9.56
CA PHE A 98 -3.25 4.35 -8.44
C PHE A 98 -2.80 3.17 -7.60
N SER A 99 -3.10 3.21 -6.30
CA SER A 99 -2.69 2.14 -5.42
C SER A 99 -3.68 1.99 -4.27
N ALA A 100 -3.74 0.80 -3.71
CA ALA A 100 -4.63 0.51 -2.58
C ALA A 100 -3.82 -0.18 -1.50
N PRO A 101 -4.19 0.05 -0.22
CA PRO A 101 -3.47 -0.56 0.90
C PRO A 101 -3.43 -2.08 0.83
N ALA A 102 -2.35 -2.66 1.37
CA ALA A 102 -2.20 -4.10 1.39
C ALA A 102 -3.29 -4.71 2.27
N VAL A 103 -3.58 -5.99 2.01
CA VAL A 103 -4.60 -6.72 2.77
C VAL A 103 -3.87 -7.77 3.61
N PRO A 104 -3.81 -7.56 4.94
CA PRO A 104 -3.13 -8.48 5.86
C PRO A 104 -3.77 -9.85 6.10
N SER A 105 -4.67 -10.27 5.21
CA SER A 105 -5.31 -11.58 5.33
C SER A 105 -5.63 -12.04 3.90
N GLY A 106 -5.86 -13.32 3.72
CA GLY A 106 -6.14 -13.82 2.38
C GLY A 106 -7.54 -13.49 1.88
N THR A 107 -8.44 -13.15 2.79
CA THR A 107 -9.82 -12.87 2.44
C THR A 107 -10.32 -11.45 2.68
N GLY A 108 -9.41 -10.54 2.98
CA GLY A 108 -9.79 -9.15 3.21
C GLY A 108 -10.08 -8.37 1.94
N GLN A 109 -10.35 -7.08 2.10
CA GLN A 109 -10.66 -6.18 0.99
C GLN A 109 -9.89 -4.87 1.06
N THR A 110 -9.70 -4.25 -0.10
CA THR A 110 -9.03 -2.96 -0.19
C THR A 110 -9.60 -2.25 -1.41
N SER A 111 -9.48 -0.93 -1.45
CA SER A 111 -10.02 -0.18 -2.59
C SER A 111 -9.26 1.11 -2.84
N ALA A 112 -9.51 1.69 -4.01
CA ALA A 112 -8.88 2.95 -4.40
C ALA A 112 -9.73 3.57 -5.48
N GLU A 113 -9.42 4.81 -5.83
CA GLU A 113 -10.15 5.51 -6.87
C GLU A 113 -9.18 5.82 -8.00
N LEU A 114 -9.67 5.78 -9.23
CA LEU A 114 -8.83 6.04 -10.39
C LEU A 114 -9.61 6.81 -11.43
N GLU A 115 -8.91 7.43 -12.36
CA GLU A 115 -9.56 8.19 -13.42
C GLU A 115 -9.05 7.75 -14.78
N VAL A 116 -9.96 7.57 -15.73
CA VAL A 116 -9.59 7.20 -17.09
C VAL A 116 -10.13 8.30 -18.00
N GLN A 117 -9.58 8.40 -19.20
CA GLN A 117 -10.00 9.40 -20.17
C GLN A 117 -9.87 8.76 -21.54
N ARG A 118 -10.45 9.38 -22.56
CA ARG A 118 -10.41 8.81 -23.91
C ARG A 118 -9.04 8.37 -24.39
N ARG A 119 -8.00 9.16 -24.08
CA ARG A 119 -6.64 8.82 -24.51
C ARG A 119 -6.01 7.72 -23.66
N HIS A 120 -6.55 7.52 -22.47
CA HIS A 120 -6.05 6.49 -21.54
C HIS A 120 -7.25 5.83 -20.87
N SER A 121 -7.87 4.89 -21.57
CA SER A 121 -9.06 4.20 -21.05
C SER A 121 -8.81 2.80 -20.51
N LEU A 122 -7.55 2.39 -20.45
CA LEU A 122 -7.22 1.05 -19.97
C LEU A 122 -6.76 1.08 -18.52
N VAL A 123 -7.00 -0.03 -17.82
CA VAL A 123 -6.58 -0.16 -16.44
C VAL A 123 -5.82 -1.47 -16.27
N SER A 124 -4.69 -1.40 -15.58
CA SER A 124 -3.87 -2.56 -15.28
C SER A 124 -3.44 -2.45 -13.83
N PHE A 125 -3.23 -3.58 -13.18
CA PHE A 125 -2.77 -3.56 -11.80
C PHE A 125 -2.24 -4.93 -11.43
N VAL A 126 -1.45 -4.97 -10.37
CA VAL A 126 -0.88 -6.21 -9.86
C VAL A 126 -0.93 -6.21 -8.33
N VAL A 127 -1.11 -7.39 -7.76
CA VAL A 127 -1.12 -7.56 -6.30
C VAL A 127 -0.33 -8.84 -6.07
N ARG A 128 0.69 -8.78 -5.24
CA ARG A 128 1.52 -9.94 -4.96
C ARG A 128 0.89 -10.87 -3.92
N ILE A 129 1.03 -12.17 -4.15
CA ILE A 129 0.51 -13.20 -3.25
C ILE A 129 1.61 -13.38 -2.18
N VAL A 130 1.24 -13.17 -0.92
CA VAL A 130 2.19 -13.25 0.19
C VAL A 130 1.91 -14.38 1.18
N PRO A 131 2.87 -15.28 1.40
CA PRO A 131 4.20 -15.30 0.79
C PRO A 131 4.16 -16.13 -0.49
N SER A 132 5.12 -15.92 -1.38
CA SER A 132 5.19 -16.70 -2.62
C SER A 132 6.52 -16.44 -3.32
N PRO A 133 6.97 -17.39 -4.16
CA PRO A 133 8.24 -17.20 -4.87
C PRO A 133 8.18 -15.96 -5.77
N ASP A 134 7.15 -15.91 -6.61
CA ASP A 134 6.99 -14.78 -7.54
C ASP A 134 5.58 -14.82 -8.12
N TRP A 135 4.60 -15.08 -7.26
CA TRP A 135 3.23 -15.20 -7.71
C TRP A 135 2.39 -13.95 -7.43
N PHE A 136 1.47 -13.68 -8.34
CA PHE A 136 0.63 -12.49 -8.21
C PHE A 136 -0.67 -12.66 -8.96
N VAL A 137 -1.55 -11.68 -8.79
CA VAL A 137 -2.82 -11.65 -9.51
C VAL A 137 -2.89 -10.26 -10.09
N GLY A 138 -3.79 -10.05 -11.04
CA GLY A 138 -3.90 -8.74 -11.62
C GLY A 138 -4.71 -8.71 -12.89
N VAL A 139 -4.78 -7.53 -13.49
CA VAL A 139 -5.51 -7.32 -14.73
C VAL A 139 -4.60 -6.59 -15.70
N ASP A 140 -4.60 -7.05 -16.95
CA ASP A 140 -3.79 -6.46 -17.99
C ASP A 140 -4.65 -5.77 -19.04
N SER A 141 -4.62 -4.45 -19.02
CA SER A 141 -5.32 -3.63 -20.01
C SER A 141 -6.82 -3.80 -20.15
N LEU A 142 -7.55 -3.68 -19.06
CA LEU A 142 -9.00 -3.76 -19.09
C LEU A 142 -9.46 -2.43 -19.65
N ASP A 143 -10.19 -2.44 -20.76
CA ASP A 143 -10.66 -1.19 -21.37
C ASP A 143 -12.00 -0.76 -20.79
N LEU A 144 -12.02 0.37 -20.09
CA LEU A 144 -13.26 0.84 -19.49
C LEU A 144 -14.13 1.65 -20.44
N CYS A 145 -13.59 2.01 -21.58
CA CYS A 145 -14.34 2.77 -22.57
C CYS A 145 -15.06 1.86 -23.56
N ASP A 146 -16.22 2.31 -24.02
CA ASP A 146 -17.02 1.56 -24.99
C ASP A 146 -17.58 2.58 -25.98
N GLY A 147 -16.76 2.93 -26.97
CA GLY A 147 -17.18 3.90 -27.97
C GLY A 147 -17.18 5.29 -27.37
N ASP A 148 -18.37 5.87 -27.23
CA ASP A 148 -18.50 7.20 -26.65
C ASP A 148 -19.07 7.11 -25.23
N ARG A 149 -19.22 5.88 -24.75
CA ARG A 149 -19.77 5.65 -23.41
C ARG A 149 -18.71 5.04 -22.50
N TRP A 150 -18.84 5.29 -21.20
CA TRP A 150 -17.93 4.70 -20.22
C TRP A 150 -18.71 3.52 -19.65
N ARG A 151 -18.04 2.40 -19.42
CA ARG A 151 -18.72 1.24 -18.88
C ARG A 151 -19.14 1.55 -17.44
N GLU A 152 -20.36 1.19 -17.07
CA GLU A 152 -20.83 1.45 -15.72
C GLU A 152 -20.11 0.61 -14.69
N GLN A 153 -19.78 -0.63 -15.07
CA GLN A 153 -19.10 -1.54 -14.17
C GLN A 153 -18.39 -2.67 -14.91
N ALA A 154 -17.42 -3.28 -14.23
CA ALA A 154 -16.67 -4.40 -14.77
C ALA A 154 -16.17 -5.20 -13.58
N ALA A 155 -16.40 -6.51 -13.59
CA ALA A 155 -15.97 -7.37 -12.51
C ALA A 155 -15.26 -8.58 -13.10
N LEU A 156 -14.16 -8.96 -12.48
CA LEU A 156 -13.38 -10.10 -12.96
C LEU A 156 -12.93 -11.01 -11.84
N ASP A 157 -12.97 -12.31 -12.10
CA ASP A 157 -12.48 -13.28 -11.13
C ASP A 157 -10.99 -13.33 -11.45
N LEU A 158 -10.16 -13.41 -10.42
CA LEU A 158 -8.72 -13.43 -10.62
C LEU A 158 -8.09 -14.76 -10.24
N TYR A 159 -7.08 -15.15 -11.01
CA TYR A 159 -6.35 -16.41 -10.79
C TYR A 159 -4.86 -16.09 -10.66
N PRO A 160 -4.11 -16.97 -9.98
CA PRO A 160 -2.68 -16.74 -9.79
C PRO A 160 -1.83 -16.82 -11.06
N TYR A 161 -0.80 -15.97 -11.12
CA TYR A 161 0.13 -15.93 -12.23
C TYR A 161 1.55 -16.04 -11.69
N ASP A 162 2.46 -16.54 -12.53
CA ASP A 162 3.84 -16.72 -12.16
C ASP A 162 4.70 -15.72 -12.94
N ALA A 163 5.51 -14.94 -12.21
CA ALA A 163 6.34 -13.91 -12.83
C ALA A 163 7.46 -14.44 -13.72
N GLY A 164 7.86 -15.69 -13.48
CA GLY A 164 8.91 -16.31 -14.27
C GLY A 164 10.32 -15.95 -13.84
N THR A 165 10.47 -15.41 -12.63
CA THR A 165 11.79 -15.00 -12.15
C THR A 165 12.35 -15.85 -11.00
N ASP A 166 11.48 -16.52 -10.26
CA ASP A 166 11.92 -17.37 -9.16
C ASP A 166 11.24 -18.72 -9.30
N SER A 167 12.04 -19.80 -9.21
CA SER A 167 11.51 -21.15 -9.40
C SER A 167 11.06 -21.89 -8.15
N GLY A 168 10.90 -21.20 -7.03
CA GLY A 168 10.44 -21.86 -5.82
C GLY A 168 9.12 -22.54 -6.12
N PHE A 169 8.88 -23.72 -5.54
CA PHE A 169 7.65 -24.47 -5.81
C PHE A 169 6.48 -24.20 -4.87
N THR A 170 6.76 -23.66 -3.68
CA THR A 170 5.71 -23.43 -2.68
C THR A 170 5.66 -22.01 -2.14
N PHE A 171 4.55 -21.67 -1.51
CA PHE A 171 4.36 -20.35 -0.92
C PHE A 171 5.57 -19.90 -0.09
N SER A 172 6.05 -20.80 0.78
CA SER A 172 7.16 -20.49 1.67
C SER A 172 8.55 -20.90 1.20
N SER A 173 8.69 -21.27 -0.06
CA SER A 173 10.00 -21.67 -0.58
C SER A 173 11.00 -20.53 -0.54
N PRO A 174 12.26 -20.83 -0.20
CA PRO A 174 13.31 -19.81 -0.15
C PRO A 174 13.61 -19.41 -1.59
N ASN A 175 14.24 -18.26 -1.78
CA ASN A 175 14.56 -17.78 -3.12
C ASN A 175 15.42 -18.74 -3.94
N PHE A 176 15.14 -18.78 -5.24
CA PHE A 176 15.89 -19.61 -6.19
C PHE A 176 15.61 -18.99 -7.55
N ALA A 177 16.62 -18.32 -8.12
CA ALA A 177 16.46 -17.66 -9.40
C ALA A 177 16.14 -18.57 -10.57
N THR A 178 15.27 -18.09 -11.45
CA THR A 178 14.88 -18.83 -12.63
C THR A 178 15.90 -18.42 -13.69
N ILE A 179 16.78 -19.35 -14.04
CA ILE A 179 17.83 -19.09 -15.04
C ILE A 179 17.82 -20.12 -16.15
N PRO A 180 17.57 -19.68 -17.40
CA PRO A 180 17.28 -18.29 -17.77
C PRO A 180 15.88 -17.89 -17.35
N GLN A 181 15.63 -16.59 -17.30
CA GLN A 181 14.32 -16.08 -16.91
C GLN A 181 13.21 -16.57 -17.84
N ASP A 182 12.05 -16.84 -17.27
CA ASP A 182 10.90 -17.27 -18.07
C ASP A 182 9.95 -16.09 -18.18
N THR A 183 8.93 -16.23 -19.01
CA THR A 183 7.95 -15.16 -19.17
C THR A 183 6.82 -15.42 -18.17
N VAL A 184 5.85 -14.51 -18.13
CA VAL A 184 4.72 -14.66 -17.23
C VAL A 184 3.83 -15.80 -17.70
N THR A 185 3.41 -16.65 -16.77
CA THR A 185 2.54 -17.77 -17.08
C THR A 185 1.43 -17.88 -16.04
N GLU A 186 0.27 -18.37 -16.46
CA GLU A 186 -0.83 -18.54 -15.53
C GLU A 186 -0.58 -19.81 -14.75
N ILE A 187 -0.98 -19.82 -13.49
CA ILE A 187 -0.85 -20.99 -12.63
C ILE A 187 -2.23 -21.64 -12.60
N THR A 188 -2.32 -22.92 -12.95
CA THR A 188 -3.59 -23.61 -12.95
C THR A 188 -3.57 -24.81 -12.00
N SER A 189 -4.73 -25.42 -11.81
CA SER A 189 -4.84 -26.57 -10.91
C SER A 189 -4.07 -27.79 -11.42
N SER A 190 -3.76 -27.80 -12.70
CA SER A 190 -3.05 -28.93 -13.29
C SER A 190 -1.60 -28.64 -13.68
N SER A 191 -1.22 -27.36 -13.67
CA SER A 191 0.13 -26.99 -14.06
C SER A 191 0.56 -25.65 -13.45
N PRO A 192 1.77 -25.60 -12.88
CA PRO A 192 2.77 -26.68 -12.77
C PRO A 192 2.24 -27.91 -12.02
N SER A 193 2.95 -29.02 -12.12
CA SER A 193 2.51 -30.25 -11.47
C SER A 193 3.50 -30.90 -10.51
N HIS A 194 4.35 -30.09 -9.89
CA HIS A 194 5.29 -30.61 -8.91
C HIS A 194 4.46 -31.12 -7.75
N PRO A 195 4.81 -32.28 -7.18
CA PRO A 195 4.06 -32.84 -6.05
C PRO A 195 3.67 -31.80 -5.00
N ALA A 196 4.61 -30.93 -4.67
CA ALA A 196 4.39 -29.90 -3.67
C ALA A 196 3.96 -28.53 -4.20
N ASN A 197 3.80 -28.40 -5.52
CA ASN A 197 3.38 -27.11 -6.06
C ASN A 197 2.12 -26.69 -5.31
N SER A 198 2.17 -25.53 -4.69
CA SER A 198 1.07 -25.02 -3.88
C SER A 198 -0.33 -24.96 -4.49
N PHE A 199 -0.43 -24.77 -5.81
CA PHE A 199 -1.73 -24.69 -6.47
C PHE A 199 -2.03 -25.92 -7.31
N TYR A 200 -1.23 -26.97 -7.14
CA TYR A 200 -1.43 -28.20 -7.88
C TYR A 200 -2.52 -29.04 -7.22
N TYR A 201 -3.70 -29.07 -7.85
CA TYR A 201 -4.84 -29.84 -7.38
C TYR A 201 -5.29 -30.69 -8.56
N PRO A 202 -4.60 -31.82 -8.80
CA PRO A 202 -4.90 -32.75 -9.90
C PRO A 202 -6.34 -33.21 -10.07
N ARG A 203 -7.12 -33.20 -9.00
CA ARG A 203 -8.50 -33.65 -9.07
C ARG A 203 -9.51 -32.58 -9.49
N LEU A 204 -9.12 -31.32 -9.42
CA LEU A 204 -10.01 -30.23 -9.80
C LEU A 204 -9.95 -29.95 -11.29
N LYS A 205 -11.09 -29.56 -11.86
CA LYS A 205 -11.12 -29.23 -13.27
C LYS A 205 -10.35 -27.93 -13.41
N ALA A 206 -10.47 -27.08 -12.39
CA ALA A 206 -9.78 -25.80 -12.36
C ALA A 206 -9.76 -25.24 -10.94
N LEU A 207 -8.88 -24.28 -10.71
CA LEU A 207 -8.79 -23.65 -9.40
C LEU A 207 -9.97 -22.70 -9.25
N PRO A 208 -10.39 -22.44 -8.00
CA PRO A 208 -11.51 -21.52 -7.80
C PRO A 208 -10.82 -20.16 -7.91
N PRO A 209 -11.59 -19.07 -8.09
CA PRO A 209 -10.90 -17.77 -8.17
C PRO A 209 -10.22 -17.50 -6.83
N ILE A 210 -9.03 -16.90 -6.85
CA ILE A 210 -8.33 -16.63 -5.61
C ILE A 210 -8.60 -15.20 -5.13
N ALA A 211 -9.20 -14.41 -6.02
CA ALA A 211 -9.56 -13.03 -5.71
C ALA A 211 -10.58 -12.55 -6.72
N ARG A 212 -11.13 -11.37 -6.49
CA ARG A 212 -12.12 -10.78 -7.38
C ARG A 212 -11.91 -9.27 -7.37
N VAL A 213 -12.09 -8.64 -8.53
CA VAL A 213 -11.93 -7.19 -8.59
C VAL A 213 -13.15 -6.59 -9.25
N THR A 214 -13.63 -5.48 -8.70
CA THR A 214 -14.81 -4.80 -9.22
C THR A 214 -14.51 -3.33 -9.50
N LEU A 215 -14.84 -2.87 -10.70
CA LEU A 215 -14.64 -1.47 -11.07
C LEU A 215 -16.01 -0.84 -11.27
N LEU A 216 -16.26 0.25 -10.55
CA LEU A 216 -17.55 0.93 -10.63
C LEU A 216 -17.40 2.40 -11.00
N ARG A 217 -18.15 2.84 -12.00
CA ARG A 217 -18.09 4.25 -12.40
C ARG A 217 -18.74 5.07 -11.29
N LEU A 218 -18.05 6.11 -10.84
CA LEU A 218 -18.58 6.95 -9.78
C LEU A 218 -19.35 8.13 -10.35
N ILE B 8 -6.94 30.35 7.80
CA ILE B 8 -7.38 31.48 6.92
C ILE B 8 -6.80 31.32 5.51
N CYS B 9 -6.87 30.10 4.98
CA CYS B 9 -6.36 29.83 3.64
C CYS B 9 -7.24 30.46 2.58
N SER B 10 -6.62 31.07 1.58
CA SER B 10 -7.35 31.74 0.51
C SER B 10 -6.96 31.24 -0.88
N ALA B 11 -6.12 30.20 -0.92
CA ALA B 11 -5.66 29.64 -2.18
C ALA B 11 -6.81 29.58 -3.19
N ARG B 12 -6.63 30.25 -4.31
CA ARG B 12 -7.65 30.32 -5.37
C ARG B 12 -7.98 28.97 -5.99
N ALA B 13 -6.95 28.20 -6.33
CA ALA B 13 -7.13 26.90 -6.95
C ALA B 13 -6.46 25.78 -6.16
N PRO B 14 -6.88 24.52 -6.40
CA PRO B 14 -6.28 23.38 -5.71
C PRO B 14 -4.82 23.22 -6.08
N ALA B 15 -4.14 22.28 -5.44
CA ALA B 15 -2.74 22.03 -5.72
C ALA B 15 -2.40 20.56 -5.55
N LYS B 16 -1.67 20.01 -6.52
CA LYS B 16 -1.25 18.62 -6.48
C LYS B 16 0.11 18.52 -5.82
N TYR B 17 0.30 17.47 -5.02
CA TYR B 17 1.55 17.24 -4.33
C TYR B 17 1.95 15.79 -4.42
N SER B 18 3.26 15.54 -4.38
CA SER B 18 3.75 14.18 -4.37
C SER B 18 4.15 14.03 -2.91
N ILE B 19 3.85 12.89 -2.31
CA ILE B 19 4.27 12.65 -0.94
C ILE B 19 5.21 11.46 -1.07
N THR B 20 6.43 11.64 -0.59
CA THR B 20 7.45 10.61 -0.67
C THR B 20 7.89 10.21 0.72
N PHE B 21 7.62 8.97 1.08
CA PHE B 21 7.97 8.45 2.40
C PHE B 21 9.26 7.65 2.31
N THR B 22 10.21 7.98 3.20
CA THR B 22 11.48 7.30 3.23
C THR B 22 11.66 6.58 4.55
N GLY B 23 11.76 5.25 4.49
CA GLY B 23 11.97 4.50 5.71
C GLY B 23 13.44 4.60 6.02
N LYS B 24 13.78 4.87 7.28
CA LYS B 24 15.19 5.00 7.67
C LYS B 24 15.51 4.11 8.87
N TRP B 25 14.75 3.03 8.98
CA TRP B 25 14.91 2.08 10.08
C TRP B 25 15.94 1.02 9.70
N SER B 26 17.21 1.42 9.78
CA SER B 26 18.33 0.53 9.48
C SER B 26 18.89 0.01 10.79
N GLN B 27 19.60 -1.12 10.72
CA GLN B 27 20.20 -1.70 11.91
C GLN B 27 21.33 -0.79 12.41
N THR B 28 21.97 -0.08 11.48
CA THR B 28 23.05 0.82 11.86
C THR B 28 22.54 1.97 12.72
N ALA B 29 21.39 2.51 12.35
CA ALA B 29 20.79 3.62 13.08
C ALA B 29 20.04 3.18 14.33
N PHE B 30 19.42 1.99 14.27
CA PHE B 30 18.67 1.46 15.41
C PHE B 30 19.05 -0.01 15.63
N PRO B 31 20.23 -0.26 16.19
CA PRO B 31 20.68 -1.64 16.42
C PRO B 31 19.92 -2.47 17.46
N LYS B 32 19.38 -1.82 18.48
CA LYS B 32 18.69 -2.54 19.54
C LYS B 32 17.52 -3.41 19.07
N GLN B 33 17.62 -4.71 19.32
CA GLN B 33 16.55 -5.66 18.97
C GLN B 33 16.08 -5.53 17.51
N TYR B 34 16.97 -5.11 16.63
CA TYR B 34 16.62 -4.95 15.22
C TYR B 34 16.05 -6.24 14.63
N PRO B 35 14.79 -6.21 14.15
CA PRO B 35 14.11 -7.37 13.56
C PRO B 35 14.77 -7.80 12.25
N LEU B 36 15.36 -8.99 12.25
CA LEU B 36 16.03 -9.51 11.07
C LEU B 36 15.25 -10.60 10.37
N PHE B 37 14.32 -11.24 11.07
CA PHE B 37 13.55 -12.31 10.47
C PHE B 37 12.25 -12.66 11.19
N ARG B 38 11.32 -13.22 10.41
CA ARG B 38 10.02 -13.66 10.92
C ARG B 38 9.31 -12.69 11.84
N PRO B 39 9.06 -11.45 11.37
CA PRO B 39 9.39 -10.89 10.06
C PRO B 39 10.54 -9.88 10.15
N PRO B 40 11.12 -9.51 9.01
CA PRO B 40 12.22 -8.54 9.01
C PRO B 40 11.63 -7.15 9.20
N ALA B 41 12.43 -6.21 9.70
CA ALA B 41 11.96 -4.84 9.91
C ALA B 41 11.40 -4.29 8.60
N GLN B 42 10.21 -3.68 8.68
CA GLN B 42 9.61 -3.12 7.48
C GLN B 42 8.49 -2.17 7.85
N TRP B 43 7.74 -1.73 6.85
CA TRP B 43 6.65 -0.79 7.06
C TRP B 43 5.35 -1.26 6.42
N SER B 44 4.24 -0.81 6.97
CA SER B 44 2.94 -1.15 6.42
C SER B 44 2.66 -0.21 5.26
N SER B 45 1.49 -0.35 4.64
CA SER B 45 1.11 0.53 3.55
C SER B 45 0.97 1.91 4.20
N LEU B 46 1.09 2.96 3.40
CA LEU B 46 0.93 4.31 3.92
C LEU B 46 -0.51 4.72 3.61
N LEU B 47 -1.24 5.18 4.62
CA LEU B 47 -2.63 5.61 4.42
C LEU B 47 -2.76 7.04 4.92
N GLY B 48 -3.38 7.89 4.12
CA GLY B 48 -3.53 9.27 4.53
C GLY B 48 -4.68 9.97 3.84
N ALA B 49 -4.86 11.24 4.17
CA ALA B 49 -5.92 12.01 3.55
C ALA B 49 -5.67 13.51 3.60
N ALA B 50 -6.32 14.21 2.67
CA ALA B 50 -6.25 15.68 2.61
C ALA B 50 -7.58 16.02 3.25
N HIS B 51 -7.55 16.86 4.29
CA HIS B 51 -8.77 17.19 5.02
C HIS B 51 -8.76 18.57 5.67
N SER B 52 -9.79 18.85 6.45
CA SER B 52 -9.92 20.11 7.16
C SER B 52 -9.75 19.82 8.65
N SER B 53 -9.67 20.87 9.45
CA SER B 53 -9.50 20.73 10.89
C SER B 53 -10.67 20.00 11.55
N ASP B 54 -11.76 19.83 10.82
CA ASP B 54 -12.92 19.13 11.37
C ASP B 54 -12.67 17.63 11.49
N TYR B 55 -11.64 17.14 10.82
CA TYR B 55 -11.29 15.73 10.88
C TYR B 55 -9.89 15.55 11.46
N SER B 56 -9.73 14.53 12.28
CA SER B 56 -8.45 14.21 12.89
C SER B 56 -8.21 12.72 12.70
N MET B 57 -7.12 12.36 12.03
CA MET B 57 -6.79 10.95 11.82
C MET B 57 -6.15 10.43 13.11
N TRP B 58 -5.34 11.27 13.73
CA TRP B 58 -4.70 10.91 14.99
C TRP B 58 -4.13 12.17 15.60
N ARG B 59 -3.88 12.14 16.90
CA ARG B 59 -3.33 13.30 17.58
C ARG B 59 -2.60 12.88 18.84
N LYS B 60 -1.43 13.50 19.07
CA LYS B 60 -0.66 13.20 20.26
C LYS B 60 -1.56 13.43 21.47
N ASN B 61 -1.50 12.52 22.44
CA ASN B 61 -2.28 12.63 23.67
C ASN B 61 -3.79 12.48 23.52
N GLN B 62 -4.21 11.87 22.41
CA GLN B 62 -5.62 11.63 22.15
C GLN B 62 -5.75 10.13 21.88
N TYR B 63 -6.93 9.56 22.16
CA TYR B 63 -7.14 8.14 21.91
C TYR B 63 -7.26 7.89 20.41
N VAL B 64 -6.72 6.77 19.95
CA VAL B 64 -6.83 6.43 18.54
C VAL B 64 -8.21 5.82 18.32
N SER B 65 -8.72 5.95 17.10
CA SER B 65 -10.02 5.38 16.76
C SER B 65 -9.87 3.86 16.62
N ASN B 66 -10.98 3.13 16.65
CA ASN B 66 -10.90 1.69 16.50
C ASN B 66 -10.24 1.36 15.17
N GLY B 67 -10.51 2.19 14.15
CA GLY B 67 -9.92 1.97 12.85
C GLY B 67 -8.41 2.10 12.89
N LEU B 68 -7.91 3.15 13.54
CA LEU B 68 -6.47 3.35 13.65
C LEU B 68 -5.82 2.28 14.53
N ARG B 69 -6.56 1.80 15.53
CA ARG B 69 -6.03 0.74 16.39
C ARG B 69 -5.73 -0.49 15.54
N ASP B 70 -6.66 -0.84 14.67
CA ASP B 70 -6.48 -2.00 13.79
C ASP B 70 -5.30 -1.79 12.84
N PHE B 71 -5.15 -0.56 12.36
CA PHE B 71 -4.06 -0.25 11.43
C PHE B 71 -2.72 -0.26 12.15
N ALA B 72 -2.67 0.38 13.32
CA ALA B 72 -1.44 0.46 14.09
C ALA B 72 -0.97 -0.90 14.63
N GLU B 73 -1.91 -1.80 14.91
CA GLU B 73 -1.54 -3.11 15.44
C GLU B 73 -1.37 -4.23 14.42
N ARG B 74 -2.12 -4.18 13.32
CA ARG B 74 -2.04 -5.25 12.32
C ARG B 74 -1.95 -4.81 10.87
N GLY B 75 -1.85 -3.51 10.63
CA GLY B 75 -1.77 -3.02 9.27
C GLY B 75 -3.08 -3.16 8.51
N GLU B 76 -4.16 -3.40 9.24
CA GLU B 76 -5.49 -3.52 8.63
C GLU B 76 -5.98 -2.10 8.37
N ALA B 77 -6.19 -1.76 7.11
CA ALA B 77 -6.60 -0.40 6.77
C ALA B 77 -8.07 -0.21 6.39
N TRP B 78 -8.81 -1.29 6.23
CA TRP B 78 -10.22 -1.18 5.83
C TRP B 78 -11.11 -0.39 6.79
N ALA B 79 -11.05 -0.70 8.07
CA ALA B 79 -11.88 0.02 9.04
C ALA B 79 -11.53 1.50 9.07
N LEU B 80 -10.24 1.81 9.02
CA LEU B 80 -9.79 3.21 9.03
C LEU B 80 -10.25 3.93 7.77
N MET B 81 -10.20 3.24 6.63
CA MET B 81 -10.63 3.84 5.39
C MET B 81 -12.12 4.15 5.46
N LYS B 82 -12.89 3.26 6.08
CA LYS B 82 -14.33 3.47 6.21
C LYS B 82 -14.62 4.65 7.14
N GLU B 83 -13.80 4.83 8.18
CA GLU B 83 -13.99 5.94 9.10
C GLU B 83 -13.76 7.25 8.38
N ILE B 84 -12.71 7.31 7.56
CA ILE B 84 -12.41 8.53 6.82
C ILE B 84 -13.54 8.85 5.86
N GLU B 85 -14.06 7.81 5.20
CA GLU B 85 -15.16 7.98 4.25
C GLU B 85 -16.38 8.49 4.98
N ALA B 86 -16.64 7.93 6.17
CA ALA B 86 -17.79 8.32 6.98
C ALA B 86 -17.65 9.76 7.48
N ALA B 87 -16.43 10.18 7.79
CA ALA B 87 -16.21 11.54 8.28
C ALA B 87 -16.55 12.53 7.18
N GLY B 88 -16.16 12.19 5.95
CA GLY B 88 -16.45 13.07 4.83
C GLY B 88 -17.94 13.20 4.60
N GLU B 89 -18.66 12.11 4.78
CA GLU B 89 -20.11 12.12 4.60
C GLU B 89 -20.85 12.85 5.71
N ALA B 90 -20.32 12.76 6.92
CA ALA B 90 -20.95 13.39 8.08
C ALA B 90 -20.63 14.88 8.25
N LEU B 91 -19.37 15.26 8.09
CA LEU B 91 -18.98 16.65 8.28
C LEU B 91 -18.27 17.29 7.09
N GLN B 92 -18.27 16.62 5.93
CA GLN B 92 -17.63 17.14 4.72
C GLN B 92 -16.22 17.63 5.05
N SER B 93 -15.54 16.87 5.90
CA SER B 93 -14.20 17.22 6.35
C SER B 93 -13.05 16.57 5.58
N VAL B 94 -13.37 15.77 4.57
CA VAL B 94 -12.33 15.10 3.80
C VAL B 94 -12.41 15.33 2.29
N HIS B 95 -11.30 15.77 1.71
CA HIS B 95 -11.26 16.00 0.27
C HIS B 95 -11.00 14.68 -0.44
N GLU B 96 -9.91 14.01 -0.07
CA GLU B 96 -9.61 12.72 -0.67
C GLU B 96 -8.65 11.88 0.16
N VAL B 97 -8.75 10.57 -0.01
CA VAL B 97 -7.90 9.63 0.70
C VAL B 97 -6.81 9.20 -0.25
N PHE B 98 -5.60 8.98 0.27
CA PHE B 98 -4.51 8.54 -0.58
C PHE B 98 -3.71 7.48 0.16
N SER B 99 -2.98 6.66 -0.60
CA SER B 99 -2.17 5.62 0.00
C SER B 99 -0.96 5.33 -0.88
N ALA B 100 0.09 4.79 -0.26
CA ALA B 100 1.30 4.46 -0.98
C ALA B 100 1.66 3.03 -0.61
N PRO B 101 2.27 2.29 -1.56
CA PRO B 101 2.65 0.90 -1.29
C PRO B 101 3.56 0.77 -0.07
N ALA B 102 3.39 -0.32 0.66
CA ALA B 102 4.21 -0.56 1.83
C ALA B 102 5.67 -0.77 1.42
N VAL B 103 6.59 -0.42 2.32
CA VAL B 103 8.02 -0.60 2.07
C VAL B 103 8.34 -1.89 2.82
N PRO B 104 8.66 -2.97 2.07
CA PRO B 104 8.98 -4.28 2.63
C PRO B 104 10.31 -4.47 3.34
N SER B 105 10.99 -3.36 3.64
CA SER B 105 12.27 -3.43 4.34
C SER B 105 12.42 -2.21 5.23
N GLY B 106 13.42 -2.24 6.12
CA GLY B 106 13.63 -1.14 7.04
C GLY B 106 13.88 0.19 6.36
N THR B 107 14.64 0.14 5.27
CA THR B 107 14.93 1.33 4.49
C THR B 107 14.34 1.13 3.11
N GLY B 108 13.94 2.23 2.49
CA GLY B 108 13.35 2.15 1.17
C GLY B 108 12.40 3.31 1.03
N GLN B 109 11.81 3.47 -0.15
CA GLN B 109 10.89 4.58 -0.36
C GLN B 109 9.61 4.15 -1.04
N THR B 110 8.59 4.99 -0.89
CA THR B 110 7.31 4.76 -1.51
C THR B 110 6.68 6.13 -1.69
N SER B 111 5.81 6.27 -2.68
CA SER B 111 5.20 7.57 -2.90
C SER B 111 3.75 7.49 -3.37
N ALA B 112 3.10 8.65 -3.35
CA ALA B 112 1.71 8.77 -3.79
C ALA B 112 1.49 10.22 -4.19
N GLU B 113 0.37 10.48 -4.86
CA GLU B 113 0.03 11.83 -5.27
C GLU B 113 -1.24 12.20 -4.52
N LEU B 114 -1.33 13.44 -4.10
CA LEU B 114 -2.50 13.90 -3.36
C LEU B 114 -2.91 15.28 -3.83
N GLU B 115 -4.11 15.70 -3.44
CA GLU B 115 -4.57 17.03 -3.81
C GLU B 115 -5.20 17.73 -2.62
N VAL B 116 -4.83 18.99 -2.44
CA VAL B 116 -5.36 19.79 -1.35
C VAL B 116 -6.07 20.99 -1.99
N GLN B 117 -6.95 21.62 -1.22
CA GLN B 117 -7.68 22.80 -1.68
C GLN B 117 -7.86 23.69 -0.45
N ARG B 118 -8.19 24.95 -0.67
CA ARG B 118 -8.33 25.88 0.44
C ARG B 118 -9.20 25.35 1.57
N ARG B 119 -10.25 24.63 1.23
CA ARG B 119 -11.16 24.07 2.25
C ARG B 119 -10.55 22.87 2.97
N HIS B 120 -9.74 22.10 2.26
CA HIS B 120 -9.08 20.92 2.84
C HIS B 120 -7.60 21.00 2.48
N SER B 121 -6.87 21.82 3.23
CA SER B 121 -5.44 22.02 2.99
C SER B 121 -4.53 21.27 3.93
N LEU B 122 -5.10 20.49 4.84
CA LEU B 122 -4.33 19.73 5.81
C LEU B 122 -4.11 18.30 5.32
N VAL B 123 -2.92 17.76 5.60
CA VAL B 123 -2.63 16.39 5.21
C VAL B 123 -2.18 15.60 6.43
N SER B 124 -2.70 14.38 6.55
CA SER B 124 -2.35 13.51 7.66
C SER B 124 -2.13 12.11 7.08
N PHE B 125 -1.27 11.33 7.73
CA PHE B 125 -1.04 9.97 7.26
C PHE B 125 -0.39 9.18 8.37
N VAL B 126 -0.47 7.87 8.26
CA VAL B 126 0.11 6.96 9.23
C VAL B 126 0.74 5.78 8.52
N VAL B 127 1.83 5.28 9.07
CA VAL B 127 2.52 4.10 8.55
C VAL B 127 2.91 3.30 9.79
N ARG B 128 2.48 2.04 9.83
CA ARG B 128 2.80 1.18 10.96
C ARG B 128 4.23 0.62 10.89
N ILE B 129 4.85 0.51 12.06
CA ILE B 129 6.21 -0.05 12.18
C ILE B 129 5.99 -1.56 12.30
N VAL B 130 6.58 -2.31 11.36
CA VAL B 130 6.41 -3.76 11.32
C VAL B 130 7.72 -4.51 11.56
N PRO B 131 7.77 -5.37 12.59
CA PRO B 131 6.69 -5.66 13.53
C PRO B 131 6.77 -4.74 14.75
N SER B 132 5.64 -4.57 15.42
CA SER B 132 5.58 -3.75 16.64
C SER B 132 4.24 -3.98 17.32
N PRO B 133 4.17 -3.71 18.63
CA PRO B 133 2.92 -3.90 19.36
C PRO B 133 1.85 -2.95 18.81
N ASP B 134 2.17 -1.67 18.80
CA ASP B 134 1.24 -0.64 18.34
C ASP B 134 2.01 0.64 18.00
N TRP B 135 3.14 0.48 17.34
CA TRP B 135 3.96 1.64 17.01
C TRP B 135 3.83 2.07 15.56
N PHE B 136 3.88 3.38 15.35
CA PHE B 136 3.72 3.94 14.01
C PHE B 136 4.41 5.29 13.86
N VAL B 137 4.41 5.79 12.64
CA VAL B 137 4.95 7.12 12.36
C VAL B 137 3.88 7.79 11.50
N GLY B 138 3.97 9.11 11.36
CA GLY B 138 2.99 9.80 10.56
C GLY B 138 3.00 11.30 10.80
N VAL B 139 2.05 11.98 10.19
CA VAL B 139 1.92 13.41 10.33
C VAL B 139 0.48 13.73 10.67
N ASP B 140 0.29 14.65 11.62
CA ASP B 140 -1.04 15.06 12.05
C ASP B 140 -1.36 16.47 11.60
N SER B 141 -2.19 16.56 10.57
CA SER B 141 -2.66 17.83 10.04
C SER B 141 -1.60 18.86 9.62
N LEU B 142 -0.71 18.46 8.72
CA LEU B 142 0.29 19.37 8.21
C LEU B 142 -0.46 20.29 7.25
N ASP B 143 -0.35 21.60 7.45
CA ASP B 143 -1.04 22.56 6.58
C ASP B 143 -0.14 22.96 5.43
N LEU B 144 -0.57 22.65 4.21
CA LEU B 144 0.23 22.97 3.04
C LEU B 144 -0.09 24.35 2.47
N CYS B 145 -1.11 25.00 2.99
CA CYS B 145 -1.50 26.32 2.53
C CYS B 145 -0.93 27.40 3.44
N ASP B 146 -0.41 28.45 2.82
CA ASP B 146 0.17 29.57 3.57
C ASP B 146 -0.44 30.85 3.02
N GLY B 147 -1.68 31.11 3.41
CA GLY B 147 -2.36 32.31 2.94
C GLY B 147 -3.02 32.09 1.60
N ASP B 148 -2.49 32.73 0.56
CA ASP B 148 -3.04 32.59 -0.78
C ASP B 148 -2.15 31.73 -1.65
N ARG B 149 -1.11 31.15 -1.05
CA ARG B 149 -0.18 30.32 -1.80
C ARG B 149 0.03 28.94 -1.16
N TRP B 150 0.36 27.97 -2.00
CA TRP B 150 0.63 26.61 -1.55
C TRP B 150 2.13 26.49 -1.31
N ARG B 151 2.50 25.89 -0.18
CA ARG B 151 3.91 25.72 0.14
C ARG B 151 4.55 24.85 -0.96
N GLU B 152 5.72 25.27 -1.42
CA GLU B 152 6.42 24.52 -2.46
C GLU B 152 6.93 23.17 -1.97
N GLN B 153 7.41 23.13 -0.74
CA GLN B 153 7.94 21.89 -0.22
C GLN B 153 7.95 21.84 1.30
N ALA B 154 7.76 20.64 1.84
CA ALA B 154 7.76 20.41 3.27
C ALA B 154 8.55 19.12 3.52
N ALA B 155 9.65 19.24 4.25
CA ALA B 155 10.50 18.09 4.57
C ALA B 155 10.47 17.88 6.07
N LEU B 156 9.95 16.74 6.50
CA LEU B 156 9.84 16.45 7.93
C LEU B 156 10.51 15.17 8.40
N ASP B 157 11.15 15.24 9.56
CA ASP B 157 11.78 14.08 10.18
C ASP B 157 10.64 13.40 10.95
N LEU B 158 10.59 12.07 10.89
CA LEU B 158 9.53 11.35 11.59
C LEU B 158 10.07 10.49 12.72
N TYR B 159 9.36 10.51 13.84
CA TYR B 159 9.75 9.74 15.01
C TYR B 159 8.66 8.75 15.39
N PRO B 160 9.03 7.66 16.07
CA PRO B 160 8.05 6.65 16.48
C PRO B 160 7.04 7.10 17.52
N TYR B 161 5.79 6.65 17.31
CA TYR B 161 4.69 6.96 18.21
C TYR B 161 4.07 5.66 18.70
N ASP B 162 3.47 5.72 19.88
CA ASP B 162 2.83 4.56 20.49
C ASP B 162 1.33 4.84 20.48
N ALA B 163 0.55 3.94 19.87
CA ALA B 163 -0.90 4.10 19.76
C ALA B 163 -1.64 4.04 21.09
N GLY B 164 -1.02 3.45 22.10
CA GLY B 164 -1.64 3.35 23.41
C GLY B 164 -2.65 2.21 23.53
N THR B 165 -2.59 1.25 22.62
CA THR B 165 -3.53 0.14 22.64
C THR B 165 -2.95 -1.22 23.03
N ASP B 166 -1.65 -1.40 22.84
CA ASP B 166 -1.00 -2.66 23.20
C ASP B 166 0.21 -2.36 24.06
N SER B 167 0.35 -3.07 25.18
CA SER B 167 1.45 -2.85 26.11
C SER B 167 2.75 -3.60 25.85
N GLY B 168 2.85 -4.28 24.72
CA GLY B 168 4.07 -5.01 24.40
C GLY B 168 5.28 -4.10 24.49
N PHE B 169 6.37 -4.61 25.06
CA PHE B 169 7.60 -3.83 25.24
C PHE B 169 8.57 -3.85 24.07
N THR B 170 8.57 -4.92 23.29
CA THR B 170 9.50 -5.04 22.16
C THR B 170 8.80 -5.28 20.83
N PHE B 171 9.54 -5.05 19.75
CA PHE B 171 9.01 -5.22 18.40
C PHE B 171 8.20 -6.51 18.22
N SER B 172 8.77 -7.62 18.69
CA SER B 172 8.12 -8.91 18.54
C SER B 172 7.36 -9.43 19.76
N SER B 173 7.05 -8.56 20.70
CA SER B 173 6.31 -8.98 21.89
C SER B 173 4.93 -9.48 21.51
N PRO B 174 4.41 -10.50 22.22
CA PRO B 174 3.08 -11.02 21.90
C PRO B 174 2.03 -9.96 22.26
N ASN B 175 0.84 -10.07 21.69
CA ASN B 175 -0.20 -9.09 21.96
C ASN B 175 -0.61 -9.02 23.43
N PHE B 176 -0.83 -7.80 23.90
CA PHE B 176 -1.23 -7.56 25.28
C PHE B 176 -2.00 -6.24 25.29
N ALA B 177 -3.32 -6.34 25.30
CA ALA B 177 -4.18 -5.16 25.29
C ALA B 177 -3.90 -4.22 26.45
N THR B 178 -3.85 -2.92 26.14
CA THR B 178 -3.61 -1.90 27.15
C THR B 178 -4.95 -1.52 27.76
N ILE B 179 -5.10 -1.78 29.06
CA ILE B 179 -6.34 -1.45 29.75
C ILE B 179 -6.07 -0.84 31.12
N PRO B 180 -6.62 0.36 31.37
CA PRO B 180 -7.45 1.08 30.42
C PRO B 180 -6.61 1.58 29.24
N GLN B 181 -7.27 1.82 28.11
CA GLN B 181 -6.59 2.29 26.91
C GLN B 181 -5.90 3.62 27.15
N ASP B 182 -4.68 3.75 26.64
CA ASP B 182 -3.94 5.00 26.80
C ASP B 182 -4.08 5.84 25.54
N THR B 183 -3.52 7.05 25.57
CA THR B 183 -3.57 7.93 24.41
C THR B 183 -2.27 7.84 23.64
N VAL B 184 -2.24 8.45 22.46
CA VAL B 184 -1.04 8.45 21.62
C VAL B 184 0.11 9.14 22.35
N THR B 185 1.27 8.49 22.37
CA THR B 185 2.44 9.04 23.04
C THR B 185 3.67 8.92 22.13
N GLU B 186 4.52 9.93 22.14
CA GLU B 186 5.73 9.89 21.33
C GLU B 186 6.76 9.00 22.04
N ILE B 187 7.42 8.13 21.29
CA ILE B 187 8.44 7.26 21.85
C ILE B 187 9.78 7.97 21.69
N THR B 188 10.56 8.08 22.77
CA THR B 188 11.86 8.74 22.69
C THR B 188 12.98 7.82 23.12
N SER B 189 14.22 8.29 23.05
CA SER B 189 15.37 7.51 23.44
C SER B 189 15.39 7.25 24.94
N SER B 190 14.63 8.03 25.69
CA SER B 190 14.60 7.90 27.14
C SER B 190 13.24 7.51 27.72
N SER B 191 12.18 7.51 26.91
CA SER B 191 10.86 7.15 27.40
C SER B 191 10.08 6.36 26.36
N PRO B 192 9.54 5.18 26.73
CA PRO B 192 9.61 4.53 28.05
C PRO B 192 11.03 4.21 28.51
N SER B 193 11.25 4.33 29.82
CA SER B 193 12.55 4.10 30.41
C SER B 193 12.83 2.72 30.99
N HIS B 194 13.46 1.87 30.20
CA HIS B 194 13.84 0.53 30.65
C HIS B 194 14.66 -0.18 29.59
N PRO B 195 15.72 -0.89 30.01
CA PRO B 195 16.59 -1.63 29.09
C PRO B 195 15.85 -2.57 28.15
N ALA B 196 14.72 -3.11 28.61
CA ALA B 196 13.94 -4.05 27.81
C ALA B 196 13.21 -3.39 26.64
N ASN B 197 12.97 -2.08 26.73
CA ASN B 197 12.26 -1.36 25.67
C ASN B 197 13.09 -1.15 24.40
N SER B 198 12.47 -1.43 23.26
CA SER B 198 13.13 -1.34 21.95
C SER B 198 13.82 -0.02 21.58
N PHE B 199 13.28 1.11 22.01
CA PHE B 199 13.86 2.39 21.65
C PHE B 199 14.61 3.09 22.79
N TYR B 200 14.89 2.37 23.86
CA TYR B 200 15.61 2.95 24.98
C TYR B 200 17.12 2.96 24.70
N TYR B 201 17.64 4.15 24.37
CA TYR B 201 19.06 4.35 24.10
C TYR B 201 19.53 5.47 25.03
N PRO B 202 19.86 5.12 26.28
CA PRO B 202 20.32 6.10 27.27
C PRO B 202 21.57 6.90 26.89
N ARG B 203 22.36 6.41 25.95
CA ARG B 203 23.56 7.11 25.54
C ARG B 203 23.29 8.22 24.53
N LEU B 204 22.10 8.23 23.95
CA LEU B 204 21.73 9.24 22.96
C LEU B 204 20.99 10.42 23.55
N LYS B 205 21.21 11.61 22.99
CA LYS B 205 20.53 12.81 23.45
C LYS B 205 19.08 12.69 23.02
N ALA B 206 18.88 12.07 21.86
CA ALA B 206 17.55 11.87 21.30
C ALA B 206 17.64 10.82 20.20
N LEU B 207 16.51 10.21 19.87
CA LEU B 207 16.50 9.20 18.82
C LEU B 207 16.73 9.85 17.47
N PRO B 208 17.35 9.12 16.54
CA PRO B 208 17.54 9.76 15.23
C PRO B 208 16.19 9.52 14.54
N PRO B 209 15.91 10.25 13.44
CA PRO B 209 14.62 10.02 12.76
C PRO B 209 14.52 8.57 12.30
N ILE B 210 13.36 7.95 12.46
CA ILE B 210 13.21 6.57 12.01
C ILE B 210 12.68 6.56 10.58
N ALA B 211 12.21 7.72 10.13
CA ALA B 211 11.70 7.87 8.77
C ALA B 211 11.65 9.35 8.44
N ARG B 212 11.40 9.63 7.16
CA ARG B 212 11.30 11.00 6.69
C ARG B 212 10.24 11.08 5.61
N VAL B 213 9.66 12.26 5.43
CA VAL B 213 8.66 12.42 4.40
C VAL B 213 8.83 13.78 3.74
N THR B 214 8.57 13.83 2.44
CA THR B 214 8.69 15.06 1.67
C THR B 214 7.42 15.29 0.87
N LEU B 215 6.86 16.48 1.03
CA LEU B 215 5.67 16.88 0.27
C LEU B 215 6.23 17.90 -0.71
N LEU B 216 6.01 17.65 -1.99
CA LEU B 216 6.52 18.54 -3.02
C LEU B 216 5.38 18.98 -3.94
N ARG B 217 5.17 20.29 -4.06
CA ARG B 217 4.11 20.78 -4.93
C ARG B 217 4.48 20.44 -6.36
N LEU B 218 3.56 19.78 -7.07
CA LEU B 218 3.81 19.39 -8.45
C LEU B 218 3.48 20.51 -9.44
N ARG B 219 4.14 20.47 -10.58
CA ARG B 219 3.92 21.44 -11.65
C ARG B 219 3.49 20.68 -12.88
N GLN B 220 2.27 20.14 -12.83
CA GLN B 220 1.71 19.37 -13.93
C GLN B 220 0.80 20.24 -14.79
N SER B 221 0.83 21.54 -14.52
CA SER B 221 0.02 22.51 -15.27
C SER B 221 0.45 23.92 -14.87
N PRO B 222 0.09 24.92 -15.68
CA PRO B 222 0.44 26.32 -15.38
C PRO B 222 -0.39 26.91 -14.24
#